data_2W11
#
_entry.id   2W11
#
_cell.length_a   127.589
_cell.length_b   58.082
_cell.length_c   51.192
_cell.angle_alpha   90.00
_cell.angle_beta   97.23
_cell.angle_gamma   90.00
#
_symmetry.space_group_name_H-M   'C 1 2 1'
#
loop_
_entity.id
_entity.type
_entity.pdbx_description
1 polymer '2-HALOALKANOIC ACID DEHALOGENASE'
2 non-polymer '(2S)-2-HYDROXYPROPANOIC ACID'
3 water water
#
_entity_poly.entity_id   1
_entity_poly.type   'polypeptide(L)'
_entity_poly.pdbx_seq_one_letter_code
;PRGSHMIILAFDIFGTVLDTSTVIQEFRNKQLEYTWLLTIMGKYVEFEEITKITLRYILKVRGEESKFDEELNKWKNLKA
YEDTKYLKEISEIAEVYALSNGSINEVKQHLERNGLLRYFKGIFSAESVKEYKPSPKVYKYFLDSIGAKEAFLVSSNAFD
VIGAKNAGMRSIFVNRKNTIVDPIGGKPDVIVNDFKELYEWILRYK
;
_entity_poly.pdbx_strand_id   A,B
#
# COMPACT_ATOMS: atom_id res chain seq x y z
N PRO A 1 21.33 20.68 -37.37
CA PRO A 1 20.15 21.03 -36.45
C PRO A 1 19.38 19.75 -36.19
N ARG A 2 20.12 18.66 -35.96
CA ARG A 2 19.55 17.32 -35.97
C ARG A 2 18.97 16.83 -34.64
N GLY A 3 18.46 15.60 -34.66
CA GLY A 3 17.85 14.96 -33.49
C GLY A 3 16.64 15.70 -32.94
N SER A 4 15.96 16.45 -33.80
CA SER A 4 14.76 17.24 -33.44
C SER A 4 13.60 16.37 -32.93
N HIS A 5 13.94 15.21 -32.39
CA HIS A 5 12.98 14.32 -31.82
C HIS A 5 13.31 14.24 -30.33
N MET A 6 12.49 14.91 -29.53
CA MET A 6 12.76 14.98 -28.10
C MET A 6 12.23 13.72 -27.41
N ILE A 7 13.11 13.06 -26.65
CA ILE A 7 12.70 11.93 -25.82
C ILE A 7 12.92 12.34 -24.35
N ILE A 8 11.84 12.37 -23.58
CA ILE A 8 11.88 12.80 -22.18
C ILE A 8 11.75 11.55 -21.31
N LEU A 9 12.78 11.31 -20.51
CA LEU A 9 12.78 10.18 -19.58
C LEU A 9 12.80 10.62 -18.11
N ALA A 10 11.84 10.10 -17.36
CA ALA A 10 11.79 10.32 -15.91
C ALA A 10 12.11 9.01 -15.24
N PHE A 11 13.24 8.95 -14.56
CA PHE A 11 13.68 7.73 -13.91
C PHE A 11 13.20 7.69 -12.47
N ASP A 12 12.43 6.65 -12.15
CA ASP A 12 12.27 6.23 -10.75
C ASP A 12 13.67 5.96 -10.17
N ILE A 13 13.82 6.11 -8.86
CA ILE A 13 15.14 6.05 -8.25
C ILE A 13 15.38 4.81 -7.41
N PHE A 14 14.61 4.64 -6.34
CA PHE A 14 14.84 3.52 -5.42
C PHE A 14 14.29 2.21 -5.98
N GLY A 15 15.19 1.28 -6.27
CA GLY A 15 14.83 0.01 -6.88
C GLY A 15 15.01 0.01 -8.40
N THR A 16 15.21 1.20 -8.98
CA THR A 16 15.42 1.31 -10.43
C THR A 16 16.85 1.75 -10.78
N VAL A 17 17.26 2.92 -10.28
CA VAL A 17 18.64 3.41 -10.43
C VAL A 17 19.48 2.81 -9.30
N LEU A 18 18.95 2.91 -8.08
CA LEU A 18 19.62 2.40 -6.88
C LEU A 18 19.14 1.00 -6.51
N ASP A 19 20.08 0.12 -6.18
CA ASP A 19 19.78 -1.24 -5.82
C ASP A 19 19.35 -1.32 -4.34
N THR A 20 18.07 -1.57 -4.10
CA THR A 20 17.55 -1.62 -2.72
C THR A 20 17.61 -3.04 -2.13
N SER A 21 18.19 -3.99 -2.87
CA SER A 21 18.29 -5.39 -2.41
C SER A 21 19.09 -5.55 -1.13
N THR A 22 19.93 -4.56 -0.84
CA THR A 22 20.85 -4.60 0.28
C THR A 22 20.18 -4.33 1.63
N VAL A 23 19.07 -3.59 1.65
CA VAL A 23 18.40 -3.28 2.93
C VAL A 23 17.40 -4.39 3.27
N ILE A 24 16.85 -4.35 4.48
CA ILE A 24 15.86 -5.34 4.90
C ILE A 24 14.59 -5.19 4.07
N GLN A 25 14.16 -6.27 3.42
CA GLN A 25 13.04 -6.14 2.46
C GLN A 25 11.71 -5.81 3.16
N GLU A 26 11.50 -6.34 4.37
CA GLU A 26 10.32 -5.98 5.14
CA GLU A 26 10.33 -5.99 5.18
C GLU A 26 10.29 -4.48 5.44
N PHE A 27 11.47 -3.90 5.63
CA PHE A 27 11.59 -2.46 5.86
C PHE A 27 11.21 -1.67 4.57
N ARG A 28 11.79 -2.06 3.43
CA ARG A 28 11.44 -1.39 2.16
C ARG A 28 9.94 -1.49 1.87
N ASN A 29 9.32 -2.64 2.12
CA ASN A 29 7.87 -2.76 1.90
C ASN A 29 7.04 -1.92 2.86
N LYS A 30 7.48 -1.86 4.12
CA LYS A 30 6.78 -1.04 5.14
C LYS A 30 6.89 0.47 4.81
N GLN A 31 8.10 0.88 4.42
CA GLN A 31 8.35 2.23 3.95
C GLN A 31 7.36 2.59 2.84
N LEU A 32 7.27 1.72 1.82
CA LEU A 32 6.30 1.90 0.70
C LEU A 32 4.85 1.87 1.20
N GLU A 33 4.54 0.91 2.06
CA GLU A 33 3.16 0.86 2.60
C GLU A 33 2.75 2.20 3.26
N TYR A 34 3.65 2.78 4.06
CA TYR A 34 3.32 4.05 4.73
C TYR A 34 3.08 5.15 3.69
N THR A 35 3.88 5.18 2.64
CA THR A 35 3.66 6.21 1.61
C THR A 35 2.26 6.09 1.00
N TRP A 36 1.80 4.85 0.84
CA TRP A 36 0.47 4.60 0.23
C TRP A 36 -0.68 4.95 1.19
N LEU A 37 -0.56 4.46 2.42
CA LEU A 37 -1.59 4.72 3.45
C LEU A 37 -1.79 6.22 3.71
N LEU A 38 -0.68 6.94 3.91
CA LEU A 38 -0.73 8.39 4.12
C LEU A 38 -1.39 9.12 2.95
N THR A 39 -0.99 8.76 1.74
CA THR A 39 -1.58 9.30 0.51
C THR A 39 -3.10 9.06 0.43
N ILE A 40 -3.55 7.86 0.77
CA ILE A 40 -5.00 7.57 0.74
C ILE A 40 -5.75 8.47 1.71
N MET A 41 -5.17 8.67 2.88
CA MET A 41 -5.79 9.50 3.94
C MET A 41 -5.65 11.01 3.76
N GLY A 42 -4.88 11.45 2.77
CA GLY A 42 -4.61 12.88 2.57
C GLY A 42 -3.62 13.44 3.60
N LYS A 43 -2.82 12.57 4.19
CA LYS A 43 -1.84 13.01 5.18
C LYS A 43 -0.47 13.03 4.51
N TYR A 44 0.43 13.83 5.08
CA TYR A 44 1.79 13.93 4.55
C TYR A 44 2.87 13.91 5.63
N VAL A 45 3.84 13.02 5.47
CA VAL A 45 5.02 12.96 6.33
C VAL A 45 6.22 12.91 5.38
N GLU A 46 7.30 13.63 5.70
CA GLU A 46 8.52 13.67 4.89
CA GLU A 46 8.45 13.68 4.81
C GLU A 46 9.07 12.27 4.68
N PHE A 47 9.59 11.98 3.51
CA PHE A 47 10.09 10.62 3.21
C PHE A 47 11.21 10.13 4.16
N GLU A 48 12.12 11.02 4.57
CA GLU A 48 13.20 10.61 5.48
CA GLU A 48 13.21 10.64 5.50
C GLU A 48 12.65 10.17 6.83
N GLU A 49 11.62 10.86 7.29
CA GLU A 49 10.94 10.49 8.53
C GLU A 49 10.16 9.17 8.37
N ILE A 50 9.49 8.96 7.25
CA ILE A 50 8.80 7.67 7.01
C ILE A 50 9.88 6.57 7.06
N THR A 51 11.05 6.86 6.48
CA THR A 51 12.13 5.85 6.43
C THR A 51 12.62 5.44 7.85
N LYS A 52 12.88 6.44 8.69
CA LYS A 52 13.32 6.22 10.07
C LYS A 52 12.28 5.47 10.92
N ILE A 53 11.03 5.93 10.86
CA ILE A 53 9.91 5.30 11.59
C ILE A 53 9.67 3.82 11.20
N THR A 54 9.58 3.55 9.90
CA THR A 54 9.32 2.19 9.41
C THR A 54 10.50 1.27 9.70
N LEU A 55 11.72 1.76 9.54
CA LEU A 55 12.92 0.92 9.82
C LEU A 55 12.95 0.57 11.30
N ARG A 56 12.76 1.57 12.16
CA ARG A 56 12.81 1.28 13.62
C ARG A 56 11.73 0.28 14.04
N TYR A 57 10.50 0.48 13.57
CA TYR A 57 9.43 -0.51 13.81
C TYR A 57 9.81 -1.94 13.38
N ILE A 58 10.24 -2.10 12.13
CA ILE A 58 10.60 -3.43 11.62
C ILE A 58 11.70 -4.06 12.46
N LEU A 59 12.70 -3.26 12.86
CA LEU A 59 13.80 -3.79 13.70
C LEU A 59 13.28 -4.22 15.07
N LYS A 60 12.41 -3.42 15.66
CA LYS A 60 11.78 -3.77 16.96
C LYS A 60 11.02 -5.09 16.88
N VAL A 61 10.30 -5.29 15.80
CA VAL A 61 9.54 -6.55 15.61
C VAL A 61 10.50 -7.78 15.57
N ARG A 62 11.66 -7.60 14.96
CA ARG A 62 12.70 -8.64 14.84
C ARG A 62 13.66 -8.76 16.04
N GLY A 63 13.49 -7.90 17.04
CA GLY A 63 14.38 -7.85 18.19
C GLY A 63 15.77 -7.38 17.79
N GLU A 64 15.83 -6.58 16.73
CA GLU A 64 17.11 -6.04 16.25
C GLU A 64 17.25 -4.52 16.29
N GLU A 65 16.55 -3.87 17.23
CA GLU A 65 16.64 -2.41 17.33
C GLU A 65 18.08 -1.90 17.57
N SER A 66 18.93 -2.74 18.17
CA SER A 66 20.33 -2.35 18.39
C SER A 66 21.08 -2.10 17.06
N LYS A 67 20.56 -2.60 15.95
CA LYS A 67 21.21 -2.46 14.65
C LYS A 67 20.69 -1.25 13.86
N PHE A 68 19.93 -0.38 14.53
CA PHE A 68 19.29 0.70 13.81
C PHE A 68 20.28 1.53 12.97
N ASP A 69 21.35 2.00 13.59
CA ASP A 69 22.25 2.92 12.84
C ASP A 69 22.91 2.25 11.66
N GLU A 70 23.35 1.01 11.87
CA GLU A 70 23.98 0.25 10.79
CA GLU A 70 23.97 0.21 10.81
C GLU A 70 22.99 -0.03 9.65
N GLU A 71 21.73 -0.33 10.00
CA GLU A 71 20.71 -0.60 8.98
C GLU A 71 20.32 0.68 8.22
N LEU A 72 20.19 1.79 8.94
CA LEU A 72 19.90 3.08 8.30
C LEU A 72 21.05 3.51 7.39
N ASN A 73 22.27 3.23 7.83
CA ASN A 73 23.46 3.54 7.02
C ASN A 73 23.48 2.80 5.69
N LYS A 74 22.93 1.58 5.65
CA LYS A 74 22.78 0.84 4.36
C LYS A 74 21.84 1.58 3.40
N TRP A 75 20.79 2.18 3.95
CA TRP A 75 19.89 3.02 3.13
C TRP A 75 20.59 4.28 2.64
N LYS A 76 21.32 4.93 3.55
CA LYS A 76 22.09 6.12 3.21
C LYS A 76 23.20 5.88 2.17
N ASN A 77 23.64 4.63 2.05
CA ASN A 77 24.74 4.24 1.17
C ASN A 77 24.39 3.30 0.00
N LEU A 78 23.12 3.24 -0.37
CA LEU A 78 22.69 2.52 -1.58
C LEU A 78 23.65 2.69 -2.76
N LYS A 79 23.96 1.58 -3.42
CA LYS A 79 24.76 1.58 -4.65
C LYS A 79 23.85 1.55 -5.86
N ALA A 80 24.26 2.23 -6.92
CA ALA A 80 23.56 2.16 -8.18
C ALA A 80 23.85 0.84 -8.89
N TYR A 81 22.88 0.29 -9.62
CA TYR A 81 23.18 -0.88 -10.47
C TYR A 81 24.33 -0.58 -11.46
N GLU A 82 25.17 -1.59 -11.74
CA GLU A 82 26.33 -1.42 -12.61
C GLU A 82 25.94 -0.84 -13.97
N ASP A 83 24.85 -1.33 -14.55
CA ASP A 83 24.43 -0.89 -15.88
C ASP A 83 23.92 0.58 -15.93
N THR A 84 23.79 1.23 -14.77
CA THR A 84 23.38 2.65 -14.79
C THR A 84 24.46 3.55 -15.41
N LYS A 85 25.68 3.01 -15.60
CA LYS A 85 26.73 3.72 -16.35
C LYS A 85 26.24 4.17 -17.73
N TYR A 86 25.29 3.42 -18.29
CA TYR A 86 24.68 3.78 -19.59
C TYR A 86 23.87 5.05 -19.54
N LEU A 87 23.66 5.63 -18.34
CA LEU A 87 23.03 6.96 -18.30
C LEU A 87 23.86 8.01 -19.02
N LYS A 88 25.17 7.74 -19.14
CA LYS A 88 26.07 8.60 -19.92
C LYS A 88 25.60 8.65 -21.39
N GLU A 89 25.56 7.49 -22.04
CA GLU A 89 25.13 7.42 -23.44
C GLU A 89 23.68 7.89 -23.60
N ILE A 90 22.82 7.51 -22.66
CA ILE A 90 21.41 7.92 -22.74
C ILE A 90 21.23 9.45 -22.68
N SER A 91 21.97 10.10 -21.79
CA SER A 91 21.86 11.55 -21.59
C SER A 91 22.27 12.33 -22.84
N GLU A 92 23.02 11.67 -23.73
CA GLU A 92 23.47 12.28 -24.99
C GLU A 92 22.33 12.36 -26.04
N ILE A 93 21.30 11.51 -25.90
CA ILE A 93 20.24 11.42 -26.91
C ILE A 93 18.81 11.61 -26.32
N ALA A 94 18.72 11.66 -24.99
CA ALA A 94 17.46 11.83 -24.30
C ALA A 94 17.60 12.84 -23.17
N GLU A 95 16.48 13.47 -22.81
CA GLU A 95 16.41 14.38 -21.65
C GLU A 95 16.21 13.52 -20.40
N VAL A 96 17.21 13.51 -19.52
CA VAL A 96 17.20 12.63 -18.35
C VAL A 96 16.77 13.37 -17.06
N TYR A 97 15.66 12.91 -16.48
CA TYR A 97 15.17 13.44 -15.21
C TYR A 97 15.02 12.34 -14.18
N ALA A 98 15.01 12.75 -12.92
CA ALA A 98 14.66 11.86 -11.81
C ALA A 98 13.29 12.26 -11.29
N LEU A 99 12.44 11.27 -11.01
CA LEU A 99 11.14 11.52 -10.40
C LEU A 99 10.97 10.48 -9.32
N SER A 100 10.99 10.91 -8.07
CA SER A 100 11.11 10.01 -6.93
C SER A 100 10.21 10.38 -5.74
N ASN A 101 9.85 9.37 -4.95
CA ASN A 101 9.26 9.60 -3.62
C ASN A 101 10.22 10.38 -2.72
N GLY A 102 11.52 10.13 -2.90
CA GLY A 102 12.55 10.81 -2.07
C GLY A 102 12.57 12.32 -2.29
N SER A 103 13.03 13.05 -1.27
CA SER A 103 13.25 14.51 -1.39
C SER A 103 14.33 14.77 -2.46
N ILE A 104 14.25 15.93 -3.09
CA ILE A 104 15.28 16.41 -4.03
C ILE A 104 16.68 16.25 -3.46
N ASN A 105 16.87 16.77 -2.24
CA ASN A 105 18.20 16.73 -1.60
C ASN A 105 18.73 15.31 -1.42
N GLU A 106 17.86 14.40 -0.98
CA GLU A 106 18.28 13.02 -0.74
C GLU A 106 18.66 12.34 -2.05
N VAL A 107 17.81 12.51 -3.06
CA VAL A 107 18.08 11.93 -4.38
C VAL A 107 19.38 12.49 -4.99
N LYS A 108 19.57 13.80 -4.86
CA LYS A 108 20.81 14.42 -5.35
C LYS A 108 22.06 13.81 -4.71
N GLN A 109 22.02 13.68 -3.38
CA GLN A 109 23.09 13.02 -2.66
C GLN A 109 23.38 11.61 -3.12
N HIS A 110 22.35 10.78 -3.28
CA HIS A 110 22.55 9.40 -3.74
C HIS A 110 23.17 9.34 -5.14
N LEU A 111 22.63 10.16 -6.05
CA LEU A 111 23.14 10.20 -7.42
C LEU A 111 24.59 10.70 -7.44
N GLU A 112 24.87 11.76 -6.70
CA GLU A 112 26.23 12.30 -6.71
C GLU A 112 27.27 11.32 -6.13
N ARG A 113 26.96 10.72 -4.99
CA ARG A 113 27.81 9.67 -4.41
C ARG A 113 28.11 8.56 -5.42
N ASN A 114 27.12 8.25 -6.25
CA ASN A 114 27.26 7.18 -7.26
C ASN A 114 27.80 7.68 -8.61
N GLY A 115 28.20 8.94 -8.65
CA GLY A 115 28.76 9.55 -9.85
C GLY A 115 27.80 9.68 -11.02
N LEU A 116 26.50 9.79 -10.74
CA LEU A 116 25.46 9.82 -11.77
C LEU A 116 24.75 11.16 -11.90
N LEU A 117 24.88 12.03 -10.92
CA LEU A 117 24.13 13.30 -10.96
C LEU A 117 24.42 14.17 -12.19
N ARG A 118 25.67 14.10 -12.66
CA ARG A 118 26.16 14.77 -13.87
CA ARG A 118 26.12 14.83 -13.85
C ARG A 118 25.26 14.56 -15.09
N TYR A 119 24.61 13.40 -15.15
CA TYR A 119 23.76 13.03 -16.30
C TYR A 119 22.32 13.50 -16.23
N PHE A 120 21.90 14.03 -15.08
CA PHE A 120 20.51 14.46 -14.93
C PHE A 120 20.32 15.95 -15.26
N LYS A 121 19.26 16.28 -15.97
CA LYS A 121 18.97 17.69 -16.14
C LYS A 121 18.01 18.29 -15.12
N GLY A 122 17.35 17.43 -14.35
CA GLY A 122 16.48 17.92 -13.28
C GLY A 122 16.09 16.79 -12.36
N ILE A 123 15.70 17.16 -11.13
CA ILE A 123 15.35 16.22 -10.08
C ILE A 123 14.02 16.65 -9.50
N PHE A 124 13.04 15.76 -9.57
CA PHE A 124 11.71 16.04 -9.08
C PHE A 124 11.32 15.10 -7.97
N SER A 125 10.56 15.63 -7.02
CA SER A 125 10.15 14.85 -5.85
C SER A 125 8.65 14.93 -5.63
N ALA A 126 8.07 13.80 -5.21
CA ALA A 126 6.69 13.75 -4.77
C ALA A 126 6.40 14.69 -3.60
N GLU A 127 7.43 15.01 -2.81
CA GLU A 127 7.33 15.94 -1.69
C GLU A 127 6.71 17.27 -2.14
N SER A 128 7.00 17.67 -3.38
CA SER A 128 6.45 18.91 -3.99
C SER A 128 4.91 18.93 -4.07
N VAL A 129 4.29 17.76 -4.13
CA VAL A 129 2.83 17.71 -4.15
C VAL A 129 2.23 17.11 -2.86
N LYS A 130 3.08 16.73 -1.90
CA LYS A 130 2.64 16.16 -0.63
C LYS A 130 1.71 14.94 -0.81
N GLU A 131 1.99 14.16 -1.85
CA GLU A 131 1.32 12.89 -2.12
C GLU A 131 2.40 12.04 -2.74
N TYR A 132 2.39 10.76 -2.42
CA TYR A 132 3.40 9.84 -2.96
C TYR A 132 2.90 9.03 -4.17
N LYS A 133 3.83 8.43 -4.90
CA LYS A 133 3.46 7.56 -6.02
C LYS A 133 2.55 6.44 -5.50
N PRO A 134 1.59 5.96 -6.30
CA PRO A 134 1.27 6.29 -7.70
C PRO A 134 0.23 7.41 -7.88
N SER A 135 0.16 8.37 -6.94
CA SER A 135 -0.75 9.51 -7.09
C SER A 135 -0.54 10.19 -8.45
N PRO A 136 -1.62 10.39 -9.20
CA PRO A 136 -1.42 11.08 -10.50
C PRO A 136 -0.79 12.47 -10.36
N LYS A 137 -0.95 13.12 -9.21
CA LYS A 137 -0.34 14.46 -9.02
C LYS A 137 1.17 14.47 -9.17
N VAL A 138 1.84 13.36 -8.81
CA VAL A 138 3.28 13.28 -8.85
C VAL A 138 3.75 13.38 -10.29
N TYR A 139 3.16 12.54 -11.13
CA TYR A 139 3.55 12.47 -12.54
C TYR A 139 3.16 13.77 -13.26
N LYS A 140 1.97 14.29 -12.96
CA LYS A 140 1.54 15.54 -13.59
C LYS A 140 2.37 16.74 -13.17
N TYR A 141 2.87 16.76 -11.92
CA TYR A 141 3.75 17.83 -11.47
C TYR A 141 5.02 17.87 -12.33
N PHE A 142 5.60 16.70 -12.56
CA PHE A 142 6.73 16.58 -13.45
C PHE A 142 6.42 17.15 -14.84
N LEU A 143 5.40 16.61 -15.49
CA LEU A 143 5.05 17.03 -16.85
C LEU A 143 4.83 18.54 -16.90
N ASP A 144 4.00 19.06 -15.99
CA ASP A 144 3.76 20.51 -15.95
C ASP A 144 4.99 21.39 -15.68
N SER A 145 5.88 20.91 -14.82
CA SER A 145 7.09 21.65 -14.45
C SER A 145 8.03 21.86 -15.64
N ILE A 146 8.14 20.87 -16.51
CA ILE A 146 9.04 21.00 -17.66
C ILE A 146 8.29 21.39 -18.95
N GLY A 147 6.96 21.50 -18.85
CA GLY A 147 6.11 21.83 -20.00
C GLY A 147 6.11 20.73 -21.05
N ALA A 148 5.98 19.49 -20.59
CA ALA A 148 6.00 18.31 -21.46
C ALA A 148 4.58 17.81 -21.65
N LYS A 149 4.31 17.26 -22.83
CA LYS A 149 3.05 16.58 -23.10
C LYS A 149 3.28 15.09 -22.98
N GLU A 150 4.30 14.59 -23.68
CA GLU A 150 4.61 13.17 -23.61
CA GLU A 150 4.65 13.16 -23.73
C GLU A 150 6.00 12.89 -23.06
N ALA A 151 6.06 11.92 -22.16
CA ALA A 151 7.30 11.54 -21.49
C ALA A 151 7.20 10.07 -21.07
N PHE A 152 8.35 9.43 -20.91
CA PHE A 152 8.42 8.05 -20.44
C PHE A 152 8.83 8.04 -18.99
N LEU A 153 8.11 7.25 -18.20
CA LEU A 153 8.56 6.96 -16.84
C LEU A 153 9.34 5.65 -16.90
N VAL A 154 10.59 5.66 -16.46
CA VAL A 154 11.42 4.43 -16.43
C VAL A 154 11.49 3.85 -15.01
N SER A 155 10.98 2.64 -14.83
CA SER A 155 10.88 2.06 -13.48
C SER A 155 10.95 0.55 -13.44
N SER A 156 11.52 0.03 -12.37
CA SER A 156 11.53 -1.40 -12.06
C SER A 156 10.40 -1.73 -11.08
N ASN A 157 9.58 -0.74 -10.75
CA ASN A 157 8.47 -0.91 -9.81
C ASN A 157 7.14 -0.96 -10.52
N ALA A 158 6.44 -2.08 -10.39
CA ALA A 158 5.14 -2.23 -11.06
C ALA A 158 4.15 -1.11 -10.74
N PHE A 159 4.11 -0.66 -9.48
CA PHE A 159 3.14 0.37 -9.09
C PHE A 159 3.40 1.69 -9.83
N ASP A 160 4.66 1.89 -10.19
CA ASP A 160 5.09 3.15 -10.76
C ASP A 160 4.73 3.14 -12.24
N VAL A 161 4.87 1.96 -12.84
CA VAL A 161 4.45 1.68 -14.21
C VAL A 161 2.96 1.98 -14.42
N ILE A 162 2.11 1.51 -13.50
CA ILE A 162 0.68 1.74 -13.70
C ILE A 162 0.33 3.19 -13.31
N GLY A 163 0.98 3.73 -12.27
CA GLY A 163 0.77 5.13 -11.88
C GLY A 163 1.07 6.05 -13.06
N ALA A 164 2.17 5.79 -13.76
CA ALA A 164 2.56 6.63 -14.94
C ALA A 164 1.46 6.60 -16.01
N LYS A 165 1.11 5.41 -16.44
CA LYS A 165 0.02 5.19 -17.38
C LYS A 165 -1.26 5.91 -16.97
N ASN A 166 -1.73 5.64 -15.76
CA ASN A 166 -2.92 6.34 -15.19
C ASN A 166 -2.86 7.86 -15.29
N ALA A 167 -1.65 8.44 -15.19
CA ALA A 167 -1.48 9.89 -15.18
C ALA A 167 -1.09 10.47 -16.53
N GLY A 168 -1.10 9.65 -17.57
CA GLY A 168 -0.86 10.11 -18.93
C GLY A 168 0.59 10.07 -19.40
N MET A 169 1.45 9.35 -18.69
CA MET A 169 2.82 9.16 -19.16
C MET A 169 2.91 7.79 -19.80
N ARG A 170 3.88 7.63 -20.67
CA ARG A 170 4.19 6.31 -21.20
C ARG A 170 5.11 5.63 -20.19
N SER A 171 5.22 4.31 -20.25
CA SER A 171 6.01 3.63 -19.23
C SER A 171 7.02 2.67 -19.85
N ILE A 172 8.23 2.64 -19.30
CA ILE A 172 9.22 1.62 -19.66
C ILE A 172 9.55 0.82 -18.41
N PHE A 173 9.20 -0.46 -18.42
CA PHE A 173 9.43 -1.32 -17.26
C PHE A 173 10.81 -1.97 -17.41
N VAL A 174 11.66 -1.81 -16.40
CA VAL A 174 13.00 -2.41 -16.39
C VAL A 174 12.95 -3.64 -15.49
N ASN A 175 12.94 -4.81 -16.12
CA ASN A 175 12.75 -6.09 -15.41
C ASN A 175 14.09 -6.80 -15.28
N ARG A 176 14.78 -6.60 -14.16
CA ARG A 176 16.11 -7.18 -13.97
C ARG A 176 16.10 -8.64 -13.62
N LYS A 177 15.49 -8.95 -12.49
CA LYS A 177 15.48 -10.32 -11.95
C LYS A 177 14.58 -11.25 -12.79
N ASN A 178 14.22 -10.77 -13.98
CA ASN A 178 13.48 -11.52 -14.98
C ASN A 178 12.19 -12.16 -14.44
N THR A 179 11.44 -11.36 -13.69
CA THR A 179 10.34 -11.91 -12.93
C THR A 179 9.03 -11.96 -13.70
N ILE A 180 8.24 -12.99 -13.36
CA ILE A 180 6.81 -13.08 -13.62
C ILE A 180 6.21 -11.68 -13.44
N VAL A 181 5.31 -11.30 -14.34
CA VAL A 181 4.71 -9.97 -14.35
C VAL A 181 3.74 -9.79 -13.18
N ASP A 182 3.86 -8.69 -12.44
CA ASP A 182 2.89 -8.32 -11.40
C ASP A 182 1.71 -7.68 -12.10
N PRO A 183 0.52 -8.33 -12.06
CA PRO A 183 -0.55 -7.97 -12.98
C PRO A 183 -0.98 -6.52 -12.94
N ILE A 184 -0.92 -5.87 -11.77
CA ILE A 184 -1.30 -4.44 -11.69
C ILE A 184 -0.42 -3.57 -12.61
N GLY A 185 0.85 -3.95 -12.75
CA GLY A 185 1.73 -3.23 -13.65
C GLY A 185 2.00 -4.00 -14.93
N GLY A 186 1.03 -4.81 -15.35
CA GLY A 186 1.21 -5.74 -16.46
C GLY A 186 1.17 -5.15 -17.87
N LYS A 187 0.85 -3.86 -18.00
CA LYS A 187 0.76 -3.27 -19.35
C LYS A 187 1.72 -2.08 -19.59
N PRO A 188 3.05 -2.28 -19.39
CA PRO A 188 3.95 -1.18 -19.74
C PRO A 188 4.01 -1.00 -21.25
N ASP A 189 4.37 0.19 -21.70
CA ASP A 189 4.56 0.40 -23.15
C ASP A 189 5.76 -0.35 -23.70
N VAL A 190 6.80 -0.50 -22.88
CA VAL A 190 8.06 -1.10 -23.29
C VAL A 190 8.61 -1.88 -22.11
N ILE A 191 9.19 -3.05 -22.39
CA ILE A 191 9.88 -3.82 -21.37
C ILE A 191 11.32 -4.01 -21.82
N VAL A 192 12.25 -3.66 -20.93
CA VAL A 192 13.68 -3.93 -21.14
C VAL A 192 14.28 -4.64 -19.91
N ASN A 193 15.41 -5.31 -20.07
CA ASN A 193 15.99 -6.04 -18.93
C ASN A 193 16.92 -5.20 -18.06
N ASP A 194 17.50 -4.18 -18.67
CA ASP A 194 18.46 -3.30 -17.98
C ASP A 194 18.71 -2.02 -18.76
N PHE A 195 19.58 -1.16 -18.25
CA PHE A 195 19.87 0.12 -18.88
C PHE A 195 20.56 0.05 -20.25
N LYS A 196 21.31 -1.02 -20.48
CA LYS A 196 21.93 -1.22 -21.78
C LYS A 196 20.86 -1.48 -22.81
N GLU A 197 19.91 -2.36 -22.49
CA GLU A 197 18.78 -2.57 -23.38
C GLU A 197 17.93 -1.29 -23.52
N LEU A 198 17.80 -0.53 -22.44
CA LEU A 198 17.09 0.74 -22.46
C LEU A 198 17.74 1.65 -23.50
N TYR A 199 19.06 1.80 -23.40
CA TYR A 199 19.81 2.63 -24.35
C TYR A 199 19.60 2.15 -25.80
N GLU A 200 19.66 0.84 -26.00
CA GLU A 200 19.44 0.31 -27.34
C GLU A 200 18.04 0.60 -27.89
N TRP A 201 17.03 0.55 -27.02
CA TRP A 201 15.66 0.86 -27.39
C TRP A 201 15.51 2.34 -27.76
N ILE A 202 16.16 3.20 -26.98
CA ILE A 202 16.16 4.64 -27.27
C ILE A 202 16.85 4.94 -28.62
N LEU A 203 17.97 4.29 -28.89
CA LEU A 203 18.61 4.43 -30.20
C LEU A 203 17.64 4.10 -31.34
N ARG A 204 16.87 3.02 -31.19
CA ARG A 204 15.88 2.65 -32.20
C ARG A 204 14.75 3.66 -32.32
N TYR A 205 14.33 4.25 -31.21
CA TYR A 205 13.19 5.15 -31.17
C TYR A 205 13.51 6.54 -31.72
N LYS A 206 14.77 6.93 -31.56
CA LYS A 206 15.24 8.28 -31.85
C LYS A 206 15.02 8.67 -33.30
N GLY B 3 -31.47 0.95 28.34
CA GLY B 3 -30.88 2.32 28.48
C GLY B 3 -30.93 3.18 27.24
N SER B 4 -30.85 4.49 27.42
CA SER B 4 -30.97 5.46 26.34
C SER B 4 -29.62 5.98 25.85
N HIS B 5 -28.57 5.20 26.06
CA HIS B 5 -27.25 5.59 25.60
C HIS B 5 -26.84 4.69 24.44
N MET B 6 -26.86 5.25 23.22
CA MET B 6 -26.59 4.47 22.02
C MET B 6 -25.08 4.30 21.82
N ILE B 7 -24.64 3.05 21.68
CA ILE B 7 -23.26 2.78 21.31
C ILE B 7 -23.21 2.11 19.94
N ILE B 8 -22.52 2.76 19.01
CA ILE B 8 -22.46 2.31 17.61
C ILE B 8 -21.07 1.74 17.30
N LEU B 9 -21.04 0.45 16.98
CA LEU B 9 -19.77 -0.22 16.68
C LEU B 9 -19.72 -0.71 15.25
N ALA B 10 -18.68 -0.30 14.53
CA ALA B 10 -18.45 -0.85 13.19
C ALA B 10 -17.24 -1.76 13.24
N PHE B 11 -17.44 -3.02 12.90
CA PHE B 11 -16.39 -4.03 12.99
C PHE B 11 -15.76 -4.24 11.63
N ASP B 12 -14.46 -4.00 11.56
CA ASP B 12 -13.61 -4.56 10.50
C ASP B 12 -13.83 -6.07 10.51
N ILE B 13 -13.75 -6.70 9.33
CA ILE B 13 -14.01 -8.14 9.22
C ILE B 13 -12.73 -8.99 9.11
N PHE B 14 -11.96 -8.81 8.03
CA PHE B 14 -10.80 -9.68 7.75
C PHE B 14 -9.61 -9.32 8.65
N GLY B 15 -9.25 -10.24 9.55
CA GLY B 15 -8.16 -10.04 10.50
C GLY B 15 -8.67 -9.57 11.86
N THR B 16 -9.95 -9.21 11.93
CA THR B 16 -10.54 -8.69 13.18
C THR B 16 -11.60 -9.67 13.74
N VAL B 17 -12.63 -9.94 12.94
CA VAL B 17 -13.63 -10.97 13.26
C VAL B 17 -13.13 -12.33 12.77
N LEU B 18 -12.68 -12.35 11.52
CA LEU B 18 -12.17 -13.55 10.87
C LEU B 18 -10.67 -13.67 11.00
N ASP B 19 -10.21 -14.88 11.33
CA ASP B 19 -8.79 -15.14 11.51
C ASP B 19 -8.13 -15.41 10.15
N THR B 20 -7.27 -14.49 9.70
CA THR B 20 -6.63 -14.62 8.37
C THR B 20 -5.23 -15.24 8.50
N SER B 21 -4.86 -15.65 9.71
CA SER B 21 -3.59 -16.38 9.93
C SER B 21 -3.40 -17.63 9.09
N THR B 22 -4.51 -18.23 8.66
CA THR B 22 -4.45 -19.51 7.97
C THR B 22 -4.05 -19.40 6.49
N VAL B 23 -4.17 -18.21 5.90
CA VAL B 23 -3.82 -18.02 4.49
C VAL B 23 -2.38 -17.56 4.38
N ILE B 24 -1.82 -17.64 3.17
CA ILE B 24 -0.45 -17.23 2.89
C ILE B 24 -0.34 -15.73 3.16
N GLN B 25 0.57 -15.35 4.06
CA GLN B 25 0.68 -13.96 4.48
C GLN B 25 1.11 -13.02 3.37
N GLU B 26 2.00 -13.47 2.48
CA GLU B 26 2.40 -12.69 1.30
CA GLU B 26 2.39 -12.65 1.34
C GLU B 26 1.17 -12.36 0.44
N PHE B 27 0.21 -13.29 0.40
CA PHE B 27 -1.00 -13.09 -0.37
C PHE B 27 -1.93 -12.03 0.30
N ARG B 28 -2.17 -12.17 1.60
CA ARG B 28 -2.98 -11.18 2.31
C ARG B 28 -2.35 -9.78 2.17
N ASN B 29 -1.02 -9.70 2.25
CA ASN B 29 -0.37 -8.40 2.11
C ASN B 29 -0.55 -7.82 0.71
N LYS B 30 -0.45 -8.69 -0.30
CA LYS B 30 -0.57 -8.28 -1.72
C LYS B 30 -1.99 -7.84 -2.07
N GLN B 31 -2.97 -8.58 -1.56
CA GLN B 31 -4.37 -8.21 -1.64
C GLN B 31 -4.57 -6.79 -1.14
N LEU B 32 -4.08 -6.52 0.09
CA LEU B 32 -4.19 -5.20 0.70
C LEU B 32 -3.43 -4.15 -0.13
N GLU B 33 -2.22 -4.49 -0.58
CA GLU B 33 -1.44 -3.58 -1.43
CA GLU B 33 -1.45 -3.56 -1.41
C GLU B 33 -2.25 -3.11 -2.63
N TYR B 34 -2.91 -4.06 -3.32
CA TYR B 34 -3.75 -3.77 -4.48
C TYR B 34 -4.89 -2.83 -4.11
N THR B 35 -5.55 -3.06 -2.98
CA THR B 35 -6.66 -2.16 -2.57
C THR B 35 -6.14 -0.72 -2.40
N TRP B 36 -4.93 -0.61 -1.88
CA TRP B 36 -4.32 0.71 -1.66
C TRP B 36 -3.89 1.41 -2.95
N LEU B 37 -3.17 0.68 -3.79
CA LEU B 37 -2.70 1.23 -5.05
C LEU B 37 -3.85 1.67 -5.96
N LEU B 38 -4.85 0.81 -6.15
CA LEU B 38 -6.02 1.16 -6.92
C LEU B 38 -6.74 2.41 -6.40
N THR B 39 -6.87 2.46 -5.08
CA THR B 39 -7.53 3.59 -4.43
C THR B 39 -6.74 4.89 -4.69
N ILE B 40 -5.42 4.82 -4.66
CA ILE B 40 -4.60 6.01 -4.90
C ILE B 40 -4.81 6.51 -6.32
N MET B 41 -4.87 5.57 -7.25
CA MET B 41 -5.03 5.87 -8.67
C MET B 41 -6.44 6.29 -9.09
N GLY B 42 -7.37 6.19 -8.16
CA GLY B 42 -8.79 6.40 -8.46
C GLY B 42 -9.40 5.31 -9.31
N LYS B 43 -8.85 4.10 -9.23
CA LYS B 43 -9.36 2.97 -9.98
C LYS B 43 -10.09 2.02 -9.06
N TYR B 44 -10.94 1.18 -9.64
CA TYR B 44 -11.72 0.26 -8.85
C TYR B 44 -11.80 -1.12 -9.48
N VAL B 45 -11.56 -2.13 -8.66
CA VAL B 45 -11.72 -3.53 -9.06
C VAL B 45 -12.39 -4.18 -7.88
N GLU B 46 -13.36 -5.06 -8.13
CA GLU B 46 -14.12 -5.72 -7.07
C GLU B 46 -13.16 -6.54 -6.21
N PHE B 47 -13.48 -6.60 -4.92
CA PHE B 47 -12.60 -7.26 -3.95
C PHE B 47 -12.34 -8.73 -4.25
N GLU B 48 -13.36 -9.46 -4.71
CA GLU B 48 -13.18 -10.88 -5.03
CA GLU B 48 -13.20 -10.89 -5.04
C GLU B 48 -12.19 -11.08 -6.18
N GLU B 49 -12.24 -10.21 -7.17
CA GLU B 49 -11.28 -10.29 -8.27
CA GLU B 49 -11.29 -10.26 -8.28
C GLU B 49 -9.88 -9.92 -7.81
N ILE B 50 -9.76 -8.91 -6.95
CA ILE B 50 -8.44 -8.54 -6.41
C ILE B 50 -7.86 -9.75 -5.66
N THR B 51 -8.70 -10.43 -4.89
CA THR B 51 -8.31 -11.64 -4.17
C THR B 51 -7.77 -12.74 -5.10
N LYS B 52 -8.50 -13.00 -6.19
CA LYS B 52 -8.09 -14.04 -7.12
C LYS B 52 -6.80 -13.68 -7.84
N ILE B 53 -6.71 -12.43 -8.28
CA ILE B 53 -5.54 -11.97 -9.02
C ILE B 53 -4.27 -12.00 -8.17
N THR B 54 -4.34 -11.43 -6.97
CA THR B 54 -3.15 -11.41 -6.09
C THR B 54 -2.74 -12.83 -5.63
N LEU B 55 -3.72 -13.69 -5.34
CA LEU B 55 -3.38 -15.05 -4.88
C LEU B 55 -2.66 -15.81 -6.02
N ARG B 56 -3.23 -15.77 -7.21
CA ARG B 56 -2.59 -16.44 -8.37
C ARG B 56 -1.16 -15.94 -8.60
N TYR B 57 -0.97 -14.61 -8.57
CA TYR B 57 0.39 -14.06 -8.74
C TYR B 57 1.38 -14.55 -7.65
N ILE B 58 1.01 -14.44 -6.37
CA ILE B 58 1.87 -14.90 -5.29
C ILE B 58 2.23 -16.38 -5.48
N LEU B 59 1.23 -17.20 -5.81
CA LEU B 59 1.49 -18.64 -6.01
C LEU B 59 2.42 -18.89 -7.19
N LYS B 60 2.19 -18.19 -8.30
CA LYS B 60 3.13 -18.24 -9.44
C LYS B 60 4.58 -17.96 -9.03
N VAL B 61 4.78 -16.94 -8.20
CA VAL B 61 6.13 -16.57 -7.79
C VAL B 61 6.80 -17.70 -6.97
N ARG B 62 6.00 -18.39 -6.15
CA ARG B 62 6.46 -19.49 -5.29
C ARG B 62 6.53 -20.83 -6.01
N GLY B 63 6.13 -20.86 -7.28
CA GLY B 63 6.00 -22.09 -8.07
C GLY B 63 4.90 -22.99 -7.56
N GLU B 64 3.87 -22.40 -6.95
CA GLU B 64 2.78 -23.18 -6.37
C GLU B 64 1.40 -22.93 -6.99
N GLU B 65 1.37 -22.60 -8.27
CA GLU B 65 0.10 -22.30 -8.93
C GLU B 65 -0.90 -23.49 -8.88
N SER B 66 -0.38 -24.72 -8.76
CA SER B 66 -1.25 -25.92 -8.70
C SER B 66 -2.10 -25.94 -7.42
N LYS B 67 -1.74 -25.09 -6.46
CA LYS B 67 -2.43 -25.09 -5.17
CA LYS B 67 -2.40 -25.06 -5.14
C LYS B 67 -3.44 -23.95 -5.09
N PHE B 68 -3.69 -23.30 -6.23
CA PHE B 68 -4.62 -22.19 -6.25
C PHE B 68 -5.97 -22.44 -5.57
N ASP B 69 -6.65 -23.53 -5.93
CA ASP B 69 -8.01 -23.73 -5.44
C ASP B 69 -8.00 -24.03 -3.94
N GLU B 70 -7.01 -24.81 -3.51
CA GLU B 70 -6.81 -25.14 -2.10
C GLU B 70 -6.58 -23.88 -1.26
N GLU B 71 -5.72 -22.99 -1.77
CA GLU B 71 -5.41 -21.75 -1.07
C GLU B 71 -6.60 -20.81 -1.10
N LEU B 72 -7.29 -20.75 -2.24
CA LEU B 72 -8.51 -19.91 -2.33
C LEU B 72 -9.61 -20.45 -1.41
N ASN B 73 -9.72 -21.77 -1.32
CA ASN B 73 -10.70 -22.38 -0.39
C ASN B 73 -10.49 -21.96 1.06
N LYS B 74 -9.23 -21.77 1.46
CA LYS B 74 -8.92 -21.30 2.82
C LYS B 74 -9.47 -19.88 3.06
N TRP B 75 -9.40 -19.04 2.03
CA TRP B 75 -9.95 -17.68 2.15
C TRP B 75 -11.47 -17.74 2.23
N LYS B 76 -12.06 -18.56 1.38
CA LYS B 76 -13.52 -18.73 1.37
C LYS B 76 -14.11 -19.32 2.66
N ASN B 77 -13.28 -20.08 3.39
CA ASN B 77 -13.71 -20.73 4.61
C ASN B 77 -13.06 -20.20 5.92
N LEU B 78 -12.64 -18.94 5.93
CA LEU B 78 -12.09 -18.34 7.14
C LEU B 78 -12.95 -18.58 8.38
N LYS B 79 -12.30 -18.90 9.49
CA LYS B 79 -13.01 -19.10 10.74
C LYS B 79 -12.89 -17.84 11.58
N ALA B 80 -13.97 -17.52 12.29
CA ALA B 80 -13.94 -16.43 13.25
C ALA B 80 -13.10 -16.81 14.48
N TYR B 81 -12.41 -15.84 15.07
CA TYR B 81 -11.76 -16.07 16.38
C TYR B 81 -12.76 -16.54 17.43
N GLU B 82 -12.30 -17.42 18.33
CA GLU B 82 -13.18 -18.00 19.35
C GLU B 82 -13.94 -16.94 20.18
N ASP B 83 -13.27 -15.85 20.52
CA ASP B 83 -13.85 -14.83 21.39
C ASP B 83 -14.92 -13.94 20.71
N THR B 84 -15.16 -14.14 19.41
CA THR B 84 -16.20 -13.37 18.71
C THR B 84 -17.60 -13.81 19.14
N LYS B 85 -17.67 -14.92 19.87
CA LYS B 85 -18.91 -15.36 20.54
C LYS B 85 -19.48 -14.23 21.41
N TYR B 86 -18.59 -13.36 21.93
CA TYR B 86 -19.00 -12.19 22.70
C TYR B 86 -19.81 -11.17 21.91
N LEU B 87 -19.90 -11.33 20.59
CA LEU B 87 -20.80 -10.47 19.83
C LEU B 87 -22.26 -10.62 20.26
N LYS B 88 -22.59 -11.80 20.80
CA LYS B 88 -23.90 -12.05 21.41
C LYS B 88 -24.16 -11.02 22.52
N GLU B 89 -23.34 -11.04 23.57
CA GLU B 89 -23.49 -10.08 24.67
C GLU B 89 -23.39 -8.63 24.20
N ILE B 90 -22.45 -8.35 23.30
CA ILE B 90 -22.25 -7.00 22.80
C ILE B 90 -23.48 -6.45 22.07
N SER B 91 -24.11 -7.28 21.23
CA SER B 91 -25.27 -6.81 20.42
C SER B 91 -26.50 -6.53 21.29
N GLU B 92 -26.48 -7.01 22.53
CA GLU B 92 -27.56 -6.72 23.47
C GLU B 92 -27.51 -5.28 24.00
N ILE B 93 -26.32 -4.67 23.97
CA ILE B 93 -26.11 -3.35 24.54
C ILE B 93 -25.55 -2.30 23.57
N ALA B 94 -25.14 -2.74 22.38
CA ALA B 94 -24.56 -1.85 21.37
C ALA B 94 -25.14 -2.17 20.00
N GLU B 95 -25.03 -1.22 19.07
CA GLU B 95 -25.52 -1.40 17.71
C GLU B 95 -24.34 -1.96 16.96
N VAL B 96 -24.49 -3.19 16.47
CA VAL B 96 -23.37 -3.90 15.86
C VAL B 96 -23.47 -3.91 14.32
N TYR B 97 -22.50 -3.29 13.66
CA TYR B 97 -22.42 -3.30 12.19
C TYR B 97 -21.11 -3.89 11.69
N ALA B 98 -21.09 -4.33 10.44
CA ALA B 98 -19.85 -4.66 9.80
C ALA B 98 -19.47 -3.56 8.81
N LEU B 99 -18.18 -3.23 8.76
CA LEU B 99 -17.66 -2.32 7.73
C LEU B 99 -16.36 -2.90 7.19
N SER B 100 -16.38 -3.29 5.92
CA SER B 100 -15.32 -4.11 5.32
C SER B 100 -14.95 -3.71 3.89
N ASN B 101 -13.71 -4.00 3.50
CA ASN B 101 -13.29 -3.99 2.09
C ASN B 101 -14.11 -4.99 1.27
N GLY B 102 -14.47 -6.11 1.89
CA GLY B 102 -15.28 -7.14 1.22
C GLY B 102 -16.66 -6.67 0.75
N SER B 103 -17.17 -7.32 -0.30
CA SER B 103 -18.55 -7.08 -0.75
C SER B 103 -19.53 -7.45 0.36
N ILE B 104 -20.70 -6.81 0.35
CA ILE B 104 -21.74 -7.14 1.32
C ILE B 104 -22.06 -8.64 1.28
N ASN B 105 -22.27 -9.18 0.08
CA ASN B 105 -22.55 -10.62 -0.11
CA ASN B 105 -22.58 -10.59 -0.07
C ASN B 105 -21.48 -11.50 0.50
N GLU B 106 -20.21 -11.20 0.20
CA GLU B 106 -19.13 -12.09 0.67
C GLU B 106 -19.09 -12.08 2.20
N VAL B 107 -19.19 -10.88 2.78
CA VAL B 107 -19.12 -10.72 4.23
C VAL B 107 -20.33 -11.42 4.89
N LYS B 108 -21.51 -11.23 4.32
CA LYS B 108 -22.72 -11.89 4.84
C LYS B 108 -22.49 -13.38 4.90
N GLN B 109 -21.97 -13.94 3.80
CA GLN B 109 -21.65 -15.38 3.72
C GLN B 109 -20.65 -15.85 4.77
N HIS B 110 -19.54 -15.12 4.95
CA HIS B 110 -18.56 -15.46 6.01
C HIS B 110 -19.21 -15.43 7.41
N LEU B 111 -19.96 -14.37 7.69
CA LEU B 111 -20.60 -14.24 8.99
C LEU B 111 -21.63 -15.36 9.22
N GLU B 112 -22.44 -15.63 8.21
CA GLU B 112 -23.44 -16.69 8.32
C GLU B 112 -22.80 -18.04 8.61
N ARG B 113 -21.80 -18.40 7.82
CA ARG B 113 -21.08 -19.66 8.03
C ARG B 113 -20.43 -19.81 9.43
N ASN B 114 -20.03 -18.70 10.03
CA ASN B 114 -19.50 -18.70 11.41
C ASN B 114 -20.54 -18.48 12.50
N GLY B 115 -21.82 -18.49 12.11
CA GLY B 115 -22.92 -18.31 13.07
C GLY B 115 -23.01 -16.96 13.77
N LEU B 116 -22.52 -15.90 13.12
CA LEU B 116 -22.46 -14.55 13.71
C LEU B 116 -23.38 -13.52 13.05
N LEU B 117 -23.92 -13.81 11.88
CA LEU B 117 -24.71 -12.81 11.14
C LEU B 117 -25.92 -12.29 11.92
N ARG B 118 -26.53 -13.18 12.70
CA ARG B 118 -27.68 -12.87 13.56
CA ARG B 118 -27.68 -12.87 13.56
C ARG B 118 -27.43 -11.70 14.53
N TYR B 119 -26.16 -11.45 14.84
CA TYR B 119 -25.78 -10.38 15.79
C TYR B 119 -25.59 -9.02 15.12
N PHE B 120 -25.61 -8.98 13.78
CA PHE B 120 -25.35 -7.75 13.04
C PHE B 120 -26.63 -7.05 12.64
N LYS B 121 -26.72 -5.73 12.79
CA LYS B 121 -27.89 -5.06 12.24
C LYS B 121 -27.69 -4.53 10.83
N GLY B 122 -26.45 -4.52 10.36
CA GLY B 122 -26.16 -4.03 9.01
C GLY B 122 -24.76 -4.38 8.55
N ILE B 123 -24.59 -4.48 7.24
CA ILE B 123 -23.32 -4.83 6.64
C ILE B 123 -22.99 -3.78 5.58
N PHE B 124 -21.86 -3.09 5.75
CA PHE B 124 -21.43 -2.07 4.80
C PHE B 124 -20.11 -2.41 4.15
N SER B 125 -19.99 -2.03 2.88
CA SER B 125 -18.83 -2.35 2.05
C SER B 125 -18.22 -1.12 1.41
N ALA B 126 -16.89 -1.12 1.40
CA ALA B 126 -16.11 -0.20 0.57
C ALA B 126 -16.56 -0.20 -0.90
N GLU B 127 -17.13 -1.31 -1.37
CA GLU B 127 -17.50 -1.40 -2.78
C GLU B 127 -18.52 -0.30 -3.13
N SER B 128 -19.35 0.05 -2.15
CA SER B 128 -20.38 1.09 -2.28
C SER B 128 -19.83 2.45 -2.70
N VAL B 129 -18.58 2.75 -2.32
CA VAL B 129 -17.98 4.02 -2.68
C VAL B 129 -16.81 3.86 -3.68
N LYS B 130 -16.55 2.62 -4.11
CA LYS B 130 -15.50 2.31 -5.10
C LYS B 130 -14.12 2.85 -4.71
N GLU B 131 -13.83 2.82 -3.41
CA GLU B 131 -12.52 3.17 -2.89
C GLU B 131 -12.39 2.27 -1.65
N TYR B 132 -11.18 1.84 -1.34
CA TYR B 132 -10.96 0.92 -0.23
C TYR B 132 -10.41 1.63 1.00
N LYS B 133 -10.47 0.96 2.17
CA LYS B 133 -9.83 1.50 3.38
C LYS B 133 -8.36 1.75 3.08
N PRO B 134 -7.75 2.79 3.67
CA PRO B 134 -8.35 3.72 4.66
C PRO B 134 -8.96 5.00 4.07
N SER B 135 -9.52 4.94 2.86
CA SER B 135 -10.19 6.12 2.28
C SER B 135 -11.27 6.67 3.22
N PRO B 136 -11.22 7.98 3.50
CA PRO B 136 -12.23 8.52 4.41
C PRO B 136 -13.63 8.31 3.89
N LYS B 137 -13.79 8.18 2.57
CA LYS B 137 -15.10 7.90 1.97
C LYS B 137 -15.79 6.66 2.50
N VAL B 138 -15.02 5.61 2.83
CA VAL B 138 -15.58 4.35 3.32
C VAL B 138 -16.28 4.59 4.66
N TYR B 139 -15.57 5.24 5.59
CA TYR B 139 -16.06 5.43 6.96
C TYR B 139 -17.24 6.42 6.96
N LYS B 140 -17.16 7.44 6.12
CA LYS B 140 -18.25 8.42 6.02
C LYS B 140 -19.51 7.85 5.41
N TYR B 141 -19.38 6.93 4.44
CA TYR B 141 -20.54 6.29 3.86
C TYR B 141 -21.32 5.57 4.93
N PHE B 142 -20.60 4.86 5.80
CA PHE B 142 -21.20 4.21 6.93
C PHE B 142 -21.95 5.19 7.86
N LEU B 143 -21.26 6.23 8.31
CA LEU B 143 -21.86 7.21 9.24
C LEU B 143 -23.10 7.84 8.62
N ASP B 144 -22.99 8.25 7.36
CA ASP B 144 -24.08 8.92 6.67
C ASP B 144 -25.26 7.99 6.44
N SER B 145 -24.97 6.73 6.12
CA SER B 145 -26.01 5.75 5.84
C SER B 145 -26.87 5.44 7.07
N ILE B 146 -26.27 5.44 8.26
CA ILE B 146 -27.05 5.16 9.47
C ILE B 146 -27.48 6.44 10.22
N GLY B 147 -27.02 7.58 9.71
CA GLY B 147 -27.26 8.87 10.31
C GLY B 147 -26.61 9.02 11.67
N ALA B 148 -25.37 8.56 11.78
CA ALA B 148 -24.63 8.61 13.04
C ALA B 148 -23.63 9.76 13.06
N LYS B 149 -23.43 10.33 14.24
CA LYS B 149 -22.40 11.34 14.45
C LYS B 149 -21.16 10.71 15.08
N GLU B 150 -21.36 10.02 16.20
CA GLU B 150 -20.29 9.31 16.87
C GLU B 150 -20.44 7.82 16.63
N ALA B 151 -19.34 7.15 16.31
CA ALA B 151 -19.31 5.71 16.23
C ALA B 151 -17.88 5.22 16.41
N PHE B 152 -17.74 3.97 16.82
CA PHE B 152 -16.46 3.35 17.03
C PHE B 152 -16.16 2.35 15.92
N LEU B 153 -14.96 2.44 15.35
CA LEU B 153 -14.49 1.40 14.43
C LEU B 153 -13.64 0.45 15.28
N VAL B 154 -14.02 -0.84 15.28
CA VAL B 154 -13.28 -1.88 16.00
C VAL B 154 -12.44 -2.68 15.00
N SER B 155 -11.12 -2.69 15.21
CA SER B 155 -10.22 -3.36 14.26
C SER B 155 -8.92 -3.81 14.88
N SER B 156 -8.36 -4.87 14.32
CA SER B 156 -7.04 -5.35 14.67
C SER B 156 -5.99 -4.86 13.64
N ASN B 157 -6.44 -4.09 12.64
CA ASN B 157 -5.56 -3.61 11.58
C ASN B 157 -5.19 -2.14 11.84
N ALA B 158 -3.89 -1.90 11.96
CA ALA B 158 -3.36 -0.55 12.23
C ALA B 158 -3.87 0.46 11.20
N PHE B 159 -3.87 0.09 9.92
CA PHE B 159 -4.30 1.02 8.88
C PHE B 159 -5.74 1.50 9.07
N ASP B 160 -6.56 0.64 9.65
CA ASP B 160 -8.00 0.85 9.75
C ASP B 160 -8.31 1.76 10.94
N VAL B 161 -7.59 1.51 12.04
CA VAL B 161 -7.51 2.41 13.18
C VAL B 161 -7.24 3.87 12.81
N ILE B 162 -6.20 4.12 12.00
CA ILE B 162 -5.88 5.51 11.63
C ILE B 162 -6.85 6.07 10.60
N GLY B 163 -7.29 5.23 9.67
CA GLY B 163 -8.35 5.60 8.72
C GLY B 163 -9.61 6.07 9.43
N ALA B 164 -10.07 5.30 10.42
CA ALA B 164 -11.25 5.69 11.23
C ALA B 164 -11.10 7.06 11.87
N LYS B 165 -9.98 7.25 12.57
CA LYS B 165 -9.67 8.53 13.20
C LYS B 165 -9.65 9.68 12.21
N ASN B 166 -8.95 9.50 11.09
CA ASN B 166 -8.91 10.48 10.01
C ASN B 166 -10.29 10.89 9.48
N ALA B 167 -11.25 9.96 9.51
CA ALA B 167 -12.58 10.20 8.95
C ALA B 167 -13.64 10.59 10.00
N GLY B 168 -13.23 10.81 11.25
CA GLY B 168 -14.15 11.28 12.27
C GLY B 168 -14.78 10.21 13.15
N MET B 169 -14.28 8.98 13.06
CA MET B 169 -14.77 7.93 13.95
C MET B 169 -13.80 7.73 15.08
N ARG B 170 -14.30 7.25 16.19
CA ARG B 170 -13.42 6.80 17.26
CA ARG B 170 -13.42 6.81 17.25
C ARG B 170 -12.93 5.39 16.93
N SER B 171 -11.81 5.00 17.53
CA SER B 171 -11.22 3.72 17.18
C SER B 171 -10.95 2.86 18.40
N ILE B 172 -11.31 1.58 18.30
CA ILE B 172 -10.94 0.57 19.30
C ILE B 172 -10.00 -0.46 18.64
N PHE B 173 -8.76 -0.53 19.11
CA PHE B 173 -7.78 -1.41 18.50
C PHE B 173 -7.77 -2.70 19.32
N VAL B 174 -8.02 -3.82 18.63
CA VAL B 174 -8.02 -5.14 19.23
C VAL B 174 -6.66 -5.76 18.96
N ASN B 175 -5.84 -5.83 20.01
CA ASN B 175 -4.46 -6.29 19.88
C ASN B 175 -4.34 -7.71 20.44
N ARG B 176 -4.70 -8.69 19.65
CA ARG B 176 -4.71 -10.06 20.15
C ARG B 176 -3.33 -10.70 20.07
N LYS B 177 -2.65 -10.41 18.97
CA LYS B 177 -1.26 -10.78 18.74
C LYS B 177 -0.33 -10.19 19.82
N ASN B 178 -0.83 -9.17 20.53
CA ASN B 178 -0.08 -8.43 21.56
C ASN B 178 1.20 -7.82 20.98
N THR B 179 1.11 -7.42 19.72
CA THR B 179 2.26 -6.90 19.01
C THR B 179 2.65 -5.51 19.53
N ILE B 180 3.94 -5.23 19.40
CA ILE B 180 4.51 -3.88 19.40
C ILE B 180 3.63 -3.03 18.50
N VAL B 181 3.43 -1.77 18.86
CA VAL B 181 2.51 -0.85 18.17
C VAL B 181 3.08 -0.43 16.80
N ASP B 182 2.27 -0.57 15.74
CA ASP B 182 2.62 -0.04 14.42
C ASP B 182 2.38 1.46 14.46
N PRO B 183 3.45 2.29 14.35
CA PRO B 183 3.31 3.71 14.66
C PRO B 183 2.19 4.44 13.92
N ILE B 184 1.95 4.08 12.66
CA ILE B 184 0.86 4.76 11.93
C ILE B 184 -0.52 4.61 12.60
N GLY B 185 -0.73 3.48 13.30
CA GLY B 185 -1.98 3.27 14.01
C GLY B 185 -1.75 3.35 15.51
N GLY B 186 -0.82 4.20 15.94
CA GLY B 186 -0.34 4.22 17.33
C GLY B 186 -1.24 4.94 18.32
N LYS B 187 -2.28 5.60 17.82
CA LYS B 187 -3.12 6.42 18.69
C LYS B 187 -4.60 6.05 18.65
N PRO B 188 -4.95 4.76 18.91
CA PRO B 188 -6.37 4.48 18.99
C PRO B 188 -6.93 5.06 20.29
N ASP B 189 -8.23 5.32 20.30
CA ASP B 189 -8.90 5.79 21.51
C ASP B 189 -8.90 4.76 22.64
N VAL B 190 -8.96 3.48 22.26
CA VAL B 190 -9.09 2.38 23.22
C VAL B 190 -8.29 1.20 22.68
N ILE B 191 -7.58 0.51 23.56
CA ILE B 191 -6.92 -0.75 23.20
C ILE B 191 -7.48 -1.86 24.07
N VAL B 192 -7.90 -2.97 23.44
CA VAL B 192 -8.32 -4.18 24.17
C VAL B 192 -7.64 -5.39 23.55
N ASN B 193 -7.55 -6.49 24.28
CA ASN B 193 -6.81 -7.64 23.77
C ASN B 193 -7.65 -8.62 22.93
N ASP B 194 -8.96 -8.61 23.15
CA ASP B 194 -9.90 -9.50 22.49
C ASP B 194 -11.32 -9.02 22.70
N PHE B 195 -12.30 -9.75 22.16
CA PHE B 195 -13.71 -9.37 22.23
C PHE B 195 -14.34 -9.43 23.64
N LYS B 196 -13.75 -10.25 24.51
CA LYS B 196 -14.17 -10.30 25.91
C LYS B 196 -13.81 -9.00 26.62
N GLU B 197 -12.56 -8.58 26.44
CA GLU B 197 -12.17 -7.26 26.95
C GLU B 197 -12.97 -6.13 26.29
N LEU B 198 -13.29 -6.28 25.01
CA LEU B 198 -14.17 -5.34 24.32
C LEU B 198 -15.52 -5.21 25.04
N TYR B 199 -16.17 -6.35 25.27
CA TYR B 199 -17.44 -6.36 25.96
C TYR B 199 -17.32 -5.69 27.33
N GLU B 200 -16.27 -6.00 28.08
CA GLU B 200 -16.07 -5.38 29.40
C GLU B 200 -15.92 -3.87 29.33
N TRP B 201 -15.20 -3.40 28.31
CA TRP B 201 -15.07 -1.96 28.09
C TRP B 201 -16.44 -1.32 27.78
N ILE B 202 -17.25 -1.99 26.96
CA ILE B 202 -18.58 -1.47 26.58
C ILE B 202 -19.49 -1.38 27.82
N LEU B 203 -19.47 -2.42 28.65
CA LEU B 203 -20.20 -2.41 29.93
C LEU B 203 -19.84 -1.19 30.77
N ARG B 204 -18.55 -0.85 30.81
CA ARG B 204 -18.10 0.29 31.60
C ARG B 204 -18.52 1.62 30.98
N TYR B 205 -18.55 1.67 29.65
CA TYR B 205 -18.87 2.89 28.90
C TYR B 205 -20.36 3.23 28.88
N LYS B 206 -21.19 2.18 28.97
CA LYS B 206 -22.64 2.25 28.76
C LYS B 206 -23.33 3.10 29.82
#